data_3T9V
#
_entry.id   3T9V
#
_cell.length_a   49.162
_cell.length_b   58.704
_cell.length_c   96.072
_cell.angle_alpha   90.00
_cell.angle_beta   93.41
_cell.angle_gamma   90.00
#
_symmetry.space_group_name_H-M   'P 1 21 1'
#
loop_
_entity.id
_entity.type
_entity.pdbx_description
1 polymer 'Glutamate receptor 2'
2 non-polymer 7-nitro-2,3-dioxo-2,3-dihydroquinoxaline-6-carbonitrile
3 non-polymer 'ZINC ION'
4 water water
#
_entity_poly.entity_id   1
_entity_poly.type   'polypeptide(L)'
_entity_poly.pdbx_seq_one_letter_code
;KTVVVTTILESPYVMMKKNHEMLEGNERYEGYCVDLAAEIAKHCGFKYKLTIVGDGKYGCRDADTKIWNGMVGELVYGKA
DIAIAPLTITLVREEVIDFSKPFMSLGISIMIKKGTPIESAEDLSKQTEIAYGTLDCGSTKEFFRRSKIAVFDKMWTYMR
SAEPSVFVRTTAEGVARVRKSKGKYAYLLESTMNEYIEQRKPCDTMKVGGNLDSKGYGIATPKGSSLGNAVNLAVLKLNE
QGLLDKLKNKWWYDKGEC
;
_entity_poly.pdbx_strand_id   A,B
#
loop_
_chem_comp.id
_chem_comp.type
_chem_comp.name
_chem_comp.formula
CNI non-polymer 7-nitro-2,3-dioxo-2,3-dihydroquinoxaline-6-carbonitrile 'C9 H2 N4 O4'
ZN non-polymer 'ZINC ION' 'Zn 2'
#
# COMPACT_ATOMS: atom_id res chain seq x y z
N LYS A 1 22.59 12.66 21.78
CA LYS A 1 21.43 12.20 22.53
C LYS A 1 20.90 10.84 22.05
N THR A 2 20.66 9.92 22.98
CA THR A 2 20.23 8.57 22.59
C THR A 2 18.70 8.50 22.37
N VAL A 3 18.27 8.21 21.15
CA VAL A 3 16.83 8.19 20.82
C VAL A 3 16.16 6.96 21.44
N VAL A 4 15.06 7.16 22.16
CA VAL A 4 14.30 6.06 22.78
C VAL A 4 13.24 5.56 21.80
N VAL A 5 13.41 4.33 21.32
CA VAL A 5 12.49 3.74 20.38
C VAL A 5 11.49 2.88 21.15
N THR A 6 10.20 3.09 20.96
CA THR A 6 9.27 2.14 21.55
C THR A 6 8.88 1.08 20.52
N THR A 7 8.77 -0.17 20.96
CA THR A 7 8.39 -1.24 20.05
C THR A 7 7.63 -2.29 20.83
N ILE A 8 7.24 -3.35 20.16
CA ILE A 8 6.37 -4.33 20.76
C ILE A 8 6.82 -5.74 20.36
N LEU A 9 6.70 -6.70 21.27
CA LEU A 9 7.03 -8.11 20.96
C LEU A 9 5.89 -8.76 20.16
N GLU A 10 5.93 -8.56 18.86
CA GLU A 10 5.06 -9.23 17.91
C GLU A 10 5.98 -9.84 16.87
N SER A 11 5.88 -11.17 16.68
CA SER A 11 6.71 -11.89 15.74
C SER A 11 6.15 -11.66 14.34
N PRO A 12 7.05 -11.56 13.33
CA PRO A 12 8.50 -11.64 13.53
C PRO A 12 9.15 -10.26 13.61
N TYR A 13 8.38 -9.23 14.00
CA TYR A 13 8.88 -7.84 14.01
C TYR A 13 9.91 -7.69 15.11
N VAL A 14 9.61 -8.21 16.28
CA VAL A 14 10.52 -8.12 17.41
C VAL A 14 10.32 -9.32 18.31
N MET A 15 11.39 -10.07 18.50
CA MET A 15 11.40 -11.33 19.25
C MET A 15 12.66 -11.35 20.14
N MET A 16 12.59 -12.03 21.28
CA MET A 16 13.77 -12.26 22.10
C MET A 16 14.68 -13.28 21.38
N LYS A 17 15.98 -12.99 21.25
CA LYS A 17 16.91 -14.03 20.78
C LYS A 17 16.87 -15.24 21.71
N LYS A 18 17.10 -16.44 21.17
CA LYS A 18 17.15 -17.63 22.03
C LYS A 18 18.09 -17.43 23.23
N ASN A 19 19.21 -16.74 23.03
CA ASN A 19 20.19 -16.56 24.13
C ASN A 19 20.15 -15.18 24.74
N HIS A 20 18.97 -14.56 24.73
CA HIS A 20 18.82 -13.18 25.13
C HIS A 20 19.35 -12.93 26.52
N GLU A 21 19.17 -13.89 27.41
CA GLU A 21 19.64 -13.68 28.76
C GLU A 21 21.18 -13.57 28.86
N MET A 22 21.91 -14.02 27.85
CA MET A 22 23.38 -13.85 27.83
C MET A 22 23.75 -12.50 27.25
N LEU A 23 22.78 -11.76 26.71
CA LEU A 23 23.07 -10.55 25.92
C LEU A 23 22.58 -9.29 26.66
N GLU A 24 22.88 -8.09 26.13
CA GLU A 24 22.30 -6.89 26.71
C GLU A 24 21.93 -5.77 25.72
N GLY A 25 21.13 -4.81 26.17
CA GLY A 25 20.70 -3.73 25.30
C GLY A 25 20.00 -4.21 24.03
N ASN A 26 20.22 -3.50 22.94
CA ASN A 26 19.57 -3.79 21.65
C ASN A 26 19.81 -5.20 21.17
N GLU A 27 20.98 -5.73 21.51
CA GLU A 27 21.33 -7.07 21.02
C GLU A 27 20.44 -8.22 21.52
N ARG A 28 19.62 -7.96 22.55
CA ARG A 28 18.72 -9.03 23.05
C ARG A 28 17.67 -9.42 22.01
N TYR A 29 17.38 -8.51 21.10
CA TYR A 29 16.22 -8.60 20.21
C TYR A 29 16.58 -8.88 18.76
N GLU A 30 15.69 -9.57 18.05
CA GLU A 30 15.88 -9.70 16.62
C GLU A 30 14.54 -9.65 15.91
N GLY A 31 14.58 -9.45 14.60
CA GLY A 31 13.37 -9.45 13.83
C GLY A 31 13.36 -8.36 12.78
N TYR A 32 12.29 -8.33 12.00
CA TYR A 32 12.12 -7.40 10.91
C TYR A 32 12.31 -5.95 11.36
N CYS A 33 11.68 -5.58 12.47
CA CYS A 33 11.70 -4.21 12.93
C CYS A 33 13.01 -3.86 13.64
N VAL A 34 13.75 -4.90 14.05
CA VAL A 34 15.02 -4.69 14.70
C VAL A 34 15.99 -4.32 13.59
N ASP A 35 15.92 -5.08 12.50
CA ASP A 35 16.70 -4.78 11.30
C ASP A 35 16.31 -3.41 10.76
N LEU A 36 15.01 -3.12 10.77
CA LEU A 36 14.53 -1.90 10.20
C LEU A 36 15.05 -0.71 11.03
N ALA A 37 15.00 -0.87 12.35
CA ALA A 37 15.50 0.13 13.25
C ALA A 37 16.95 0.48 12.92
N ALA A 38 17.77 -0.54 12.73
CA ALA A 38 19.18 -0.28 12.39
C ALA A 38 19.31 0.56 11.12
N GLU A 39 18.52 0.23 10.11
CA GLU A 39 18.60 0.95 8.86
C GLU A 39 18.14 2.40 9.03
N ILE A 40 16.99 2.59 9.67
CA ILE A 40 16.48 3.94 9.92
C ILE A 40 17.52 4.79 10.66
N ALA A 41 18.06 4.25 11.73
CA ALA A 41 19.02 4.99 12.56
C ALA A 41 20.22 5.41 11.75
N LYS A 42 20.63 4.55 10.83
CA LYS A 42 21.83 4.74 10.04
C LYS A 42 21.61 5.88 9.03
N HIS A 43 20.48 5.84 8.35
CA HIS A 43 20.10 6.90 7.40
C HIS A 43 19.66 8.27 8.03
N CYS A 44 19.18 8.27 9.26
CA CYS A 44 18.84 9.51 9.93
C CYS A 44 19.95 10.02 10.85
N GLY A 45 20.99 9.20 10.99
CA GLY A 45 22.12 9.55 11.82
C GLY A 45 21.86 9.69 13.32
N PHE A 46 21.22 8.70 13.94
CA PHE A 46 21.12 8.71 15.40
C PHE A 46 21.48 7.38 16.08
N LYS A 47 21.86 7.48 17.35
CA LYS A 47 22.02 6.34 18.25
C LYS A 47 20.67 6.11 18.96
N TYR A 48 20.34 4.87 19.27
CA TYR A 48 19.00 4.57 19.84
C TYR A 48 19.02 3.44 20.84
N LYS A 49 17.97 3.37 21.65
CA LYS A 49 17.76 2.27 22.58
C LYS A 49 16.36 1.69 22.36
N LEU A 50 16.31 0.42 21.99
CA LEU A 50 15.04 -0.29 21.83
C LEU A 50 14.49 -0.58 23.21
N THR A 51 13.25 -0.18 23.45
CA THR A 51 12.53 -0.49 24.68
C THR A 51 11.18 -1.10 24.30
N ILE A 52 10.77 -2.12 25.04
CA ILE A 52 9.48 -2.75 24.78
C ILE A 52 8.40 -1.94 25.50
N VAL A 53 7.38 -1.55 24.77
CA VAL A 53 6.26 -0.78 25.34
C VAL A 53 5.69 -1.39 26.64
N GLY A 54 5.59 -0.57 27.66
CA GLY A 54 5.18 -0.98 29.00
C GLY A 54 3.96 -1.86 29.13
N ASP A 55 2.96 -1.62 28.29
CA ASP A 55 1.67 -2.26 28.47
C ASP A 55 1.39 -3.32 27.39
N GLY A 56 2.34 -3.48 26.48
CA GLY A 56 2.22 -4.45 25.42
C GLY A 56 1.16 -4.10 24.41
N LYS A 57 0.80 -2.82 24.31
CA LYS A 57 -0.27 -2.45 23.38
C LYS A 57 0.20 -1.56 22.24
N TYR A 58 -0.56 -1.60 21.15
CA TYR A 58 -0.35 -0.73 20.01
C TYR A 58 -0.74 0.70 20.29
N GLY A 59 -2.00 0.91 20.70
CA GLY A 59 -2.44 2.23 21.10
C GLY A 59 -3.84 2.55 20.69
N CYS A 60 -4.71 2.72 21.66
CA CYS A 60 -6.00 3.31 21.38
C CYS A 60 -6.39 4.25 22.51
N ARG A 61 -7.39 5.08 22.26
CA ARG A 61 -7.81 6.09 23.22
C ARG A 61 -9.01 5.58 24.01
N ASP A 62 -8.89 5.55 25.33
CA ASP A 62 -9.98 5.11 26.19
C ASP A 62 -11.17 6.06 26.03
N ALA A 63 -12.35 5.50 25.74
CA ALA A 63 -13.55 6.33 25.49
C ALA A 63 -13.93 7.25 26.65
N ASP A 64 -13.78 6.76 27.86
CA ASP A 64 -14.16 7.52 29.05
C ASP A 64 -13.09 8.53 29.48
N THR A 65 -11.87 8.05 29.68
CA THR A 65 -10.82 8.92 30.19
C THR A 65 -10.13 9.75 29.11
N LYS A 66 -10.28 9.34 27.86
CA LYS A 66 -9.61 9.99 26.72
C LYS A 66 -8.09 9.82 26.73
N ILE A 67 -7.59 8.90 27.54
CA ILE A 67 -6.14 8.69 27.61
C ILE A 67 -5.65 7.67 26.59
N TRP A 68 -4.57 7.97 25.86
CA TRP A 68 -4.01 6.99 24.91
C TRP A 68 -3.13 5.97 25.61
N ASN A 69 -3.26 4.70 25.25
CA ASN A 69 -2.36 3.69 25.84
C ASN A 69 -1.36 3.20 24.79
N GLY A 70 -0.57 2.17 25.13
CA GLY A 70 0.25 1.49 24.12
C GLY A 70 1.36 2.38 23.59
N MET A 71 1.85 2.09 22.39
CA MET A 71 2.98 2.84 21.86
C MET A 71 2.53 4.25 21.47
N VAL A 72 1.31 4.37 20.98
CA VAL A 72 0.80 5.73 20.72
C VAL A 72 0.89 6.59 21.99
N GLY A 73 0.40 6.06 23.10
CA GLY A 73 0.56 6.67 24.40
C GLY A 73 1.98 7.13 24.69
N GLU A 74 2.96 6.26 24.46
CA GLU A 74 4.31 6.62 24.84
C GLU A 74 4.81 7.83 24.02
N LEU A 75 4.37 7.91 22.77
CA LEU A 75 4.71 9.01 21.90
C LEU A 75 3.93 10.25 22.34
N VAL A 76 2.63 10.11 22.53
CA VAL A 76 1.79 11.27 22.85
C VAL A 76 2.21 11.97 24.15
N TYR A 77 2.51 11.17 25.17
CA TYR A 77 2.77 11.72 26.49
C TYR A 77 4.26 11.96 26.79
N GLY A 78 5.11 11.81 25.78
CA GLY A 78 6.52 12.13 25.92
C GLY A 78 7.46 11.05 26.48
N LYS A 79 7.06 9.78 26.47
CA LYS A 79 7.92 8.72 27.00
C LYS A 79 8.88 8.10 25.99
N ALA A 80 8.60 8.23 24.71
CA ALA A 80 9.55 7.70 23.73
C ALA A 80 9.61 8.63 22.56
N ASP A 81 10.62 8.48 21.72
CA ASP A 81 10.89 9.46 20.68
C ASP A 81 10.39 9.01 19.32
N ILE A 82 10.21 7.71 19.17
CA ILE A 82 9.85 7.13 17.88
C ILE A 82 9.36 5.71 18.15
N ALA A 83 8.46 5.22 17.30
CA ALA A 83 7.88 3.86 17.42
C ALA A 83 8.19 3.12 16.16
N ILE A 84 9.01 2.08 16.27
CA ILE A 84 9.33 1.32 15.09
C ILE A 84 8.75 -0.05 15.32
N ALA A 85 7.59 -0.26 14.71
CA ALA A 85 6.76 -1.42 14.98
C ALA A 85 5.66 -1.49 13.89
N PRO A 86 4.93 -2.60 13.85
CA PRO A 86 3.86 -2.70 12.87
C PRO A 86 2.66 -1.96 13.43
N LEU A 87 2.74 -0.63 13.46
CA LEU A 87 1.69 0.21 14.01
C LEU A 87 0.86 0.71 12.82
N THR A 88 -0.40 0.29 12.77
CA THR A 88 -1.28 0.64 11.65
C THR A 88 -1.62 2.14 11.59
N ILE A 89 -1.57 2.70 10.39
CA ILE A 89 -1.77 4.13 10.17
C ILE A 89 -3.28 4.32 10.11
N THR A 90 -3.84 5.01 11.11
CA THR A 90 -5.30 5.20 11.14
C THR A 90 -5.60 6.66 11.37
N LEU A 91 -6.81 7.05 11.00
CA LEU A 91 -7.23 8.44 11.17
C LEU A 91 -7.05 8.94 12.61
N VAL A 92 -7.61 8.25 13.59
CA VAL A 92 -7.53 8.76 14.95
C VAL A 92 -6.09 8.82 15.51
N ARG A 93 -5.24 7.88 15.08
CA ARG A 93 -3.85 7.94 15.49
C ARG A 93 -3.13 9.13 14.82
N GLU A 94 -3.34 9.32 13.51
CA GLU A 94 -2.65 10.39 12.79
C GLU A 94 -3.08 11.78 13.25
N GLU A 95 -4.24 11.87 13.93
CA GLU A 95 -4.64 13.14 14.49
C GLU A 95 -3.74 13.50 15.65
N VAL A 96 -3.12 12.51 16.29
CA VAL A 96 -2.30 12.79 17.48
C VAL A 96 -0.80 12.46 17.41
N ILE A 97 -0.36 11.75 16.37
CA ILE A 97 1.08 11.52 16.15
C ILE A 97 1.35 11.61 14.69
N ASP A 98 2.62 11.75 14.30
CA ASP A 98 2.98 11.71 12.90
C ASP A 98 3.42 10.30 12.48
N PHE A 99 3.07 9.89 11.27
CA PHE A 99 3.52 8.62 10.72
C PHE A 99 4.35 8.88 9.48
N SER A 100 5.32 8.01 9.22
CA SER A 100 5.93 7.94 7.90
C SER A 100 4.95 7.37 6.85
N LYS A 101 5.32 7.48 5.57
CA LYS A 101 4.62 6.71 4.57
C LYS A 101 4.83 5.24 4.98
N PRO A 102 3.90 4.37 4.56
CA PRO A 102 3.89 2.98 5.03
C PRO A 102 5.15 2.23 4.65
N PHE A 103 5.67 1.40 5.56
CA PHE A 103 6.79 0.53 5.25
C PHE A 103 6.32 -0.89 4.87
N MET A 104 5.04 -1.19 5.08
CA MET A 104 4.53 -2.50 4.72
C MET A 104 3.05 -2.31 4.53
N SER A 105 2.49 -2.95 3.49
CA SER A 105 1.06 -2.97 3.20
C SER A 105 0.34 -4.19 3.80
N LEU A 106 -0.93 -4.04 4.13
CA LEU A 106 -1.72 -5.16 4.69
C LEU A 106 -3.21 -4.94 4.43
N GLY A 107 -3.98 -5.98 4.73
CA GLY A 107 -5.42 -5.83 4.73
C GLY A 107 -6.06 -6.93 5.53
N ILE A 108 -7.36 -6.77 5.82
CA ILE A 108 -8.11 -7.83 6.47
C ILE A 108 -8.10 -9.02 5.53
N SER A 109 -7.87 -10.20 6.09
CA SER A 109 -7.82 -11.40 5.29
C SER A 109 -8.38 -12.62 6.06
N ILE A 110 -8.53 -13.72 5.33
CA ILE A 110 -9.19 -14.91 5.84
C ILE A 110 -8.19 -16.03 6.11
N MET A 111 -8.16 -16.49 7.36
CA MET A 111 -7.27 -17.62 7.70
C MET A 111 -8.16 -18.88 7.83
N ILE A 112 -7.80 -19.98 7.14
CA ILE A 112 -8.54 -21.22 7.29
C ILE A 112 -7.60 -22.35 7.62
N LYS A 113 -8.11 -23.39 8.27
CA LYS A 113 -7.39 -24.64 8.42
C LYS A 113 -7.31 -25.29 7.05
N LYS A 114 -6.16 -25.84 6.70
CA LYS A 114 -5.99 -26.47 5.40
C LYS A 114 -7.06 -27.48 5.14
N GLY A 115 -7.59 -27.44 3.93
CA GLY A 115 -8.65 -28.33 3.48
C GLY A 115 -10.02 -27.71 3.60
N THR A 116 -10.12 -26.58 4.27
CA THR A 116 -11.42 -25.93 4.38
C THR A 116 -11.83 -25.43 3.01
N PRO A 117 -13.05 -25.79 2.59
CA PRO A 117 -13.59 -25.48 1.27
C PRO A 117 -14.09 -24.01 1.17
N ILE A 118 -13.19 -23.06 1.34
CA ILE A 118 -13.58 -21.66 1.33
C ILE A 118 -12.45 -20.93 0.67
N GLU A 119 -12.80 -20.07 -0.28
CA GLU A 119 -11.79 -19.41 -1.08
C GLU A 119 -11.88 -17.88 -1.07
N SER A 120 -12.87 -17.34 -0.39
CA SER A 120 -13.12 -15.90 -0.44
C SER A 120 -14.17 -15.51 0.59
N ALA A 121 -14.26 -14.21 0.84
CA ALA A 121 -15.33 -13.70 1.72
C ALA A 121 -16.73 -14.04 1.18
N GLU A 122 -16.90 -13.97 -0.14
CA GLU A 122 -18.18 -14.31 -0.75
C GLU A 122 -18.57 -15.71 -0.32
N ASP A 123 -17.59 -16.61 -0.41
CA ASP A 123 -17.77 -18.02 -0.08
C ASP A 123 -18.22 -18.14 1.36
N LEU A 124 -17.59 -17.38 2.25
CA LEU A 124 -17.96 -17.43 3.64
C LEU A 124 -19.40 -16.90 3.78
N SER A 125 -19.74 -15.86 3.04
CA SER A 125 -21.04 -15.18 3.25
C SER A 125 -22.19 -16.07 2.87
N LYS A 126 -21.96 -16.93 1.89
CA LYS A 126 -23.03 -17.77 1.36
C LYS A 126 -23.31 -19.05 2.14
N GLN A 127 -22.58 -19.30 3.23
CA GLN A 127 -22.78 -20.54 3.99
C GLN A 127 -22.82 -20.33 5.51
N THR A 128 -23.13 -21.38 6.26
CA THR A 128 -23.24 -21.29 7.71
C THR A 128 -22.47 -22.39 8.42
N GLU A 129 -22.23 -23.49 7.71
CA GLU A 129 -21.51 -24.62 8.26
C GLU A 129 -20.19 -24.19 8.89
N ILE A 130 -19.43 -23.39 8.15
CA ILE A 130 -18.15 -22.91 8.67
C ILE A 130 -18.36 -21.55 9.31
N ALA A 131 -18.21 -21.50 10.62
CA ALA A 131 -18.33 -20.26 11.38
C ALA A 131 -17.09 -19.39 11.15
N TYR A 132 -17.25 -18.09 11.34
CA TYR A 132 -16.13 -17.15 11.17
C TYR A 132 -16.31 -15.91 12.04
N GLY A 133 -15.19 -15.33 12.46
CA GLY A 133 -15.24 -14.18 13.37
C GLY A 133 -13.96 -13.35 13.33
N THR A 134 -13.86 -12.41 14.26
CA THR A 134 -12.75 -11.48 14.29
C THR A 134 -12.47 -11.26 15.77
N LEU A 135 -11.49 -10.41 16.04
CA LEU A 135 -11.21 -9.96 17.39
C LEU A 135 -12.48 -9.29 17.95
N ASP A 136 -12.68 -9.32 19.27
CA ASP A 136 -13.99 -8.92 19.78
C ASP A 136 -14.22 -7.42 19.89
N CYS A 137 -13.16 -6.64 19.71
CA CYS A 137 -13.35 -5.21 19.51
C CYS A 137 -12.23 -4.79 18.60
N GLY A 138 -12.22 -3.53 18.17
CA GLY A 138 -11.14 -3.12 17.28
C GLY A 138 -11.58 -2.94 15.85
N SER A 139 -10.61 -2.68 14.99
CA SER A 139 -10.88 -2.14 13.67
C SER A 139 -11.45 -3.17 12.68
N THR A 140 -11.12 -4.43 12.85
CA THR A 140 -11.64 -5.42 11.90
C THR A 140 -13.14 -5.63 12.15
N LYS A 141 -13.51 -5.79 13.41
CA LYS A 141 -14.94 -5.80 13.78
C LYS A 141 -15.69 -4.55 13.27
N GLU A 142 -15.13 -3.36 13.52
CA GLU A 142 -15.77 -2.13 13.08
C GLU A 142 -15.90 -2.05 11.58
N PHE A 143 -14.92 -2.58 10.85
CA PHE A 143 -14.98 -2.54 9.39
C PHE A 143 -16.25 -3.28 8.93
N PHE A 144 -16.55 -4.41 9.54
CA PHE A 144 -17.74 -5.11 9.11
C PHE A 144 -19.01 -4.36 9.58
N ARG A 145 -19.00 -3.87 10.81
CA ARG A 145 -20.18 -3.21 11.38
C ARG A 145 -20.62 -2.05 10.49
N ARG A 146 -19.65 -1.29 9.99
CA ARG A 146 -19.95 -0.11 9.18
C ARG A 146 -20.11 -0.32 7.69
N SER A 147 -19.79 -1.51 7.20
CA SER A 147 -19.75 -1.70 5.76
C SER A 147 -21.10 -1.51 5.07
N LYS A 148 -21.04 -0.86 3.92
CA LYS A 148 -22.19 -0.70 3.06
C LYS A 148 -22.19 -1.78 1.99
N ILE A 149 -21.09 -2.54 1.91
CA ILE A 149 -20.95 -3.56 0.87
C ILE A 149 -21.79 -4.84 1.13
N ALA A 150 -22.54 -5.31 0.14
CA ALA A 150 -23.48 -6.42 0.36
C ALA A 150 -22.84 -7.66 1.00
N VAL A 151 -21.74 -8.13 0.44
CA VAL A 151 -21.11 -9.32 1.01
C VAL A 151 -20.73 -9.09 2.47
N PHE A 152 -20.14 -7.93 2.77
CA PHE A 152 -19.69 -7.70 4.12
C PHE A 152 -20.85 -7.44 5.08
N ASP A 153 -21.91 -6.82 4.56
CA ASP A 153 -23.14 -6.59 5.37
C ASP A 153 -23.74 -7.93 5.81
N LYS A 154 -23.80 -8.87 4.86
CA LYS A 154 -24.25 -10.25 5.12
C LYS A 154 -23.38 -10.97 6.16
N MET A 155 -22.05 -10.87 6.05
CA MET A 155 -21.16 -11.44 7.04
C MET A 155 -21.35 -10.81 8.42
N TRP A 156 -21.45 -9.48 8.47
CA TRP A 156 -21.71 -8.78 9.74
C TRP A 156 -23.00 -9.25 10.42
N THR A 157 -24.04 -9.44 9.62
CA THR A 157 -25.36 -9.76 10.13
C THR A 157 -25.21 -11.13 10.78
N TYR A 158 -24.43 -11.99 10.14
CA TYR A 158 -24.22 -13.33 10.68
C TYR A 158 -23.35 -13.32 11.95
N MET A 159 -22.17 -12.68 11.88
CA MET A 159 -21.27 -12.63 13.01
C MET A 159 -21.88 -12.01 14.25
N ARG A 160 -22.62 -10.93 14.09
CA ARG A 160 -23.09 -10.25 15.29
C ARG A 160 -24.04 -11.06 16.14
N SER A 161 -24.78 -11.98 15.51
CA SER A 161 -25.75 -12.81 16.22
C SER A 161 -25.39 -14.30 16.35
N ALA A 162 -24.24 -14.72 15.78
CA ALA A 162 -23.84 -16.11 15.84
C ALA A 162 -23.74 -16.65 17.28
N GLU A 163 -24.10 -17.92 17.45
CA GLU A 163 -24.10 -18.60 18.74
C GLU A 163 -23.46 -19.96 18.62
N PRO A 164 -22.48 -20.26 19.49
CA PRO A 164 -21.90 -19.35 20.48
C PRO A 164 -21.05 -18.28 19.77
N SER A 165 -20.52 -17.34 20.54
CA SER A 165 -19.83 -16.18 19.97
C SER A 165 -18.70 -16.56 19.00
N VAL A 166 -18.62 -15.87 17.87
CA VAL A 166 -17.53 -16.06 16.91
C VAL A 166 -16.37 -15.08 17.13
N PHE A 167 -16.49 -14.18 18.11
CA PHE A 167 -15.41 -13.20 18.32
C PHE A 167 -14.44 -13.73 19.35
N VAL A 168 -13.18 -13.29 19.28
CA VAL A 168 -12.16 -13.79 20.19
C VAL A 168 -11.44 -12.63 20.87
N ARG A 169 -10.73 -12.92 21.96
CA ARG A 169 -10.12 -11.88 22.75
C ARG A 169 -8.72 -11.49 22.25
N THR A 170 -8.02 -12.46 21.64
CA THR A 170 -6.67 -12.23 21.17
C THR A 170 -6.47 -12.86 19.82
N THR A 171 -5.45 -12.40 19.11
CA THR A 171 -5.02 -13.02 17.86
C THR A 171 -4.75 -14.50 18.12
N ALA A 172 -4.01 -14.79 19.19
CA ALA A 172 -3.64 -16.17 19.51
C ALA A 172 -4.88 -17.04 19.66
N GLU A 173 -5.90 -16.52 20.33
CA GLU A 173 -7.07 -17.30 20.55
C GLU A 173 -7.76 -17.56 19.21
N GLY A 174 -7.74 -16.56 18.32
CA GLY A 174 -8.29 -16.74 16.99
C GLY A 174 -7.58 -17.85 16.24
N VAL A 175 -6.24 -17.81 16.22
CA VAL A 175 -5.48 -18.82 15.47
C VAL A 175 -5.67 -20.18 16.10
N ALA A 176 -5.67 -20.26 17.42
CA ALA A 176 -5.87 -21.55 18.05
C ALA A 176 -7.26 -22.09 17.73
N ARG A 177 -8.25 -21.22 17.65
CA ARG A 177 -9.60 -21.65 17.30
C ARG A 177 -9.69 -22.24 15.90
N VAL A 178 -9.02 -21.63 14.93
CA VAL A 178 -9.00 -22.20 13.57
C VAL A 178 -8.34 -23.59 13.61
N ARG A 179 -7.30 -23.74 14.43
CA ARG A 179 -6.48 -24.97 14.41
C ARG A 179 -7.19 -26.16 15.05
N LYS A 180 -7.97 -25.89 16.10
CA LYS A 180 -8.65 -26.96 16.81
C LYS A 180 -10.09 -27.19 16.34
N SER A 181 -10.59 -26.37 15.42
CA SER A 181 -12.02 -26.49 15.03
C SER A 181 -12.29 -27.39 13.80
N LYS A 182 -11.30 -28.17 13.40
CA LYS A 182 -11.47 -29.16 12.31
C LYS A 182 -12.05 -28.61 11.01
N GLY A 183 -11.76 -27.36 10.71
CA GLY A 183 -12.24 -26.77 9.48
C GLY A 183 -13.52 -25.98 9.65
N LYS A 184 -14.05 -25.92 10.88
CA LYS A 184 -15.36 -25.28 11.12
C LYS A 184 -15.29 -23.84 11.64
N TYR A 185 -14.09 -23.26 11.65
CA TYR A 185 -13.93 -21.87 12.08
C TYR A 185 -12.89 -21.22 11.20
N ALA A 186 -13.24 -20.09 10.59
CA ALA A 186 -12.28 -19.27 9.86
C ALA A 186 -12.08 -17.93 10.57
N TYR A 187 -10.87 -17.40 10.57
CA TYR A 187 -10.58 -16.24 11.39
C TYR A 187 -10.18 -15.06 10.50
N LEU A 188 -10.75 -13.89 10.76
CA LEU A 188 -10.43 -12.72 9.96
C LEU A 188 -9.38 -11.86 10.65
N LEU A 189 -8.22 -11.67 10.00
CA LEU A 189 -7.15 -10.88 10.58
C LEU A 189 -6.19 -10.20 9.58
N GLU A 190 -5.27 -9.39 10.11
CA GLU A 190 -4.30 -8.72 9.26
C GLU A 190 -3.59 -9.73 8.37
N SER A 191 -3.46 -9.42 7.09
CA SER A 191 -2.89 -10.31 6.10
C SER A 191 -1.43 -10.67 6.44
N THR A 192 -0.69 -9.74 7.04
CA THR A 192 0.72 -9.97 7.37
C THR A 192 0.88 -11.06 8.44
N MET A 193 0.06 -11.02 9.47
CA MET A 193 0.05 -12.07 10.50
C MET A 193 -0.45 -13.37 9.85
N ASN A 194 -1.46 -13.26 9.01
CA ASN A 194 -2.03 -14.45 8.37
C ASN A 194 -0.88 -15.17 7.60
N GLU A 195 -0.16 -14.42 6.77
CA GLU A 195 0.84 -15.04 5.92
C GLU A 195 2.02 -15.53 6.73
N TYR A 196 2.30 -14.90 7.86
CA TYR A 196 3.36 -15.35 8.74
C TYR A 196 3.04 -16.75 9.35
N ILE A 197 1.87 -16.84 9.92
CA ILE A 197 1.34 -18.07 10.53
C ILE A 197 1.27 -19.21 9.52
N GLU A 198 1.04 -18.87 8.27
CA GLU A 198 1.08 -19.88 7.23
C GLU A 198 2.48 -20.53 7.08
N GLN A 199 3.56 -19.84 7.45
CA GLN A 199 4.89 -20.44 7.31
C GLN A 199 5.41 -21.00 8.61
N ARG A 200 4.56 -21.15 9.61
CA ARG A 200 4.96 -21.69 10.89
C ARG A 200 4.40 -23.11 11.07
N LYS A 201 5.18 -24.00 11.67
CA LYS A 201 4.68 -25.32 12.03
C LYS A 201 3.54 -25.13 13.00
N PRO A 202 2.53 -26.01 12.95
CA PRO A 202 2.59 -27.21 12.14
C PRO A 202 2.08 -27.05 10.73
N CYS A 203 2.17 -25.86 10.15
CA CYS A 203 1.84 -25.70 8.73
C CYS A 203 0.42 -26.18 8.44
N ASP A 204 -0.55 -25.78 9.27
CA ASP A 204 -1.88 -26.30 9.07
C ASP A 204 -2.88 -25.19 8.80
N THR A 205 -2.40 -23.96 8.56
CA THR A 205 -3.29 -22.86 8.15
C THR A 205 -2.91 -22.35 6.77
N MET A 206 -3.80 -21.57 6.19
CA MET A 206 -3.60 -21.01 4.86
C MET A 206 -4.35 -19.65 4.85
N LYS A 207 -3.82 -18.68 4.11
CA LYS A 207 -4.52 -17.40 3.84
C LYS A 207 -5.22 -17.57 2.50
N VAL A 208 -6.48 -17.20 2.42
CA VAL A 208 -7.19 -17.35 1.16
C VAL A 208 -7.92 -16.08 0.82
N GLY A 209 -8.05 -15.81 -0.47
CA GLY A 209 -8.83 -14.69 -0.95
C GLY A 209 -8.02 -13.40 -1.00
N GLY A 210 -8.56 -12.38 -1.68
CA GLY A 210 -7.90 -11.08 -1.71
C GLY A 210 -8.13 -10.38 -0.39
N ASN A 211 -7.32 -9.37 -0.08
CA ASN A 211 -7.56 -8.61 1.13
C ASN A 211 -8.92 -7.89 1.01
N LEU A 212 -9.56 -7.62 2.14
CA LEU A 212 -10.89 -7.01 2.15
C LEU A 212 -10.83 -5.50 2.19
N ASP A 213 -9.71 -4.98 2.66
CA ASP A 213 -9.45 -3.54 2.69
C ASP A 213 -7.93 -3.35 2.51
N SER A 214 -7.45 -2.13 2.66
CA SER A 214 -6.01 -1.88 2.50
C SER A 214 -5.58 -0.84 3.52
N LYS A 215 -4.51 -1.20 4.22
CA LYS A 215 -3.91 -0.35 5.25
C LYS A 215 -2.38 -0.45 5.16
N GLY A 216 -1.67 0.30 5.98
CA GLY A 216 -0.21 0.20 6.00
C GLY A 216 0.23 0.36 7.42
N TYR A 217 1.43 -0.15 7.73
CA TYR A 217 2.08 0.09 9.01
C TYR A 217 3.03 1.27 8.72
N GLY A 218 3.23 2.14 9.70
CA GLY A 218 4.13 3.26 9.53
C GLY A 218 4.95 3.46 10.78
N ILE A 219 6.09 4.11 10.66
CA ILE A 219 6.92 4.45 11.80
C ILE A 219 6.36 5.76 12.38
N ALA A 220 6.17 5.86 13.69
CA ALA A 220 5.49 7.03 14.25
C ALA A 220 6.42 7.86 15.10
N THR A 221 6.17 9.18 15.13
CA THR A 221 6.92 10.13 15.93
C THR A 221 5.91 11.09 16.55
N PRO A 222 6.27 11.73 17.67
CA PRO A 222 5.35 12.70 18.26
C PRO A 222 5.18 13.87 17.29
N LYS A 223 4.03 14.53 17.31
CA LYS A 223 3.78 15.72 16.50
C LYS A 223 4.90 16.71 16.64
N GLY A 224 5.34 17.31 15.54
CA GLY A 224 6.45 18.27 15.62
C GLY A 224 7.84 17.73 15.97
N SER A 225 7.97 16.43 16.14
CA SER A 225 9.30 15.85 16.32
C SER A 225 10.22 16.27 15.17
N SER A 226 11.49 16.48 15.48
CA SER A 226 12.50 16.82 14.47
C SER A 226 13.09 15.58 13.79
N LEU A 227 12.65 14.39 14.17
CA LEU A 227 13.04 13.16 13.47
C LEU A 227 12.14 12.87 12.27
N GLY A 228 10.95 13.48 12.28
CA GLY A 228 9.88 13.05 11.40
C GLY A 228 10.20 13.09 9.92
N ASN A 229 10.70 14.23 9.46
CA ASN A 229 11.09 14.36 8.07
C ASN A 229 12.15 13.36 7.64
N ALA A 230 13.24 13.27 8.39
CA ALA A 230 14.33 12.37 7.97
C ALA A 230 13.85 10.90 7.92
N VAL A 231 13.09 10.48 8.91
CA VAL A 231 12.59 9.11 8.97
C VAL A 231 11.70 8.77 7.75
N ASN A 232 10.83 9.70 7.39
CA ASN A 232 10.00 9.53 6.22
C ASN A 232 10.81 9.31 4.95
N LEU A 233 11.80 10.18 4.71
CA LEU A 233 12.64 10.04 3.54
C LEU A 233 13.40 8.74 3.56
N ALA A 234 13.80 8.32 4.76
CA ALA A 234 14.52 7.04 4.93
C ALA A 234 13.60 5.86 4.58
N VAL A 235 12.34 5.93 5.00
CA VAL A 235 11.41 4.87 4.60
C VAL A 235 11.28 4.80 3.10
N LEU A 236 11.18 5.95 2.41
CA LEU A 236 11.07 5.96 0.94
C LEU A 236 12.32 5.39 0.25
N LYS A 237 13.48 5.83 0.73
CA LYS A 237 14.75 5.31 0.19
C LYS A 237 14.86 3.81 0.31
N LEU A 238 14.54 3.26 1.47
CA LEU A 238 14.58 1.78 1.69
C LEU A 238 13.65 1.00 0.79
N ASN A 239 12.49 1.59 0.49
CA ASN A 239 11.58 0.94 -0.45
C ASN A 239 12.19 0.89 -1.84
N GLU A 240 12.72 2.03 -2.27
CA GLU A 240 13.21 2.17 -3.62
C GLU A 240 14.48 1.33 -3.78
N GLN A 241 15.18 1.07 -2.69
CA GLN A 241 16.35 0.19 -2.72
C GLN A 241 16.02 -1.30 -2.71
N GLY A 242 14.76 -1.65 -2.47
CA GLY A 242 14.32 -3.04 -2.47
C GLY A 242 14.55 -3.66 -1.12
N LEU A 243 15.05 -2.84 -0.20
CA LEU A 243 15.38 -3.33 1.14
C LEU A 243 14.17 -3.78 2.00
N LEU A 244 13.01 -3.12 1.87
CA LEU A 244 11.87 -3.54 2.68
C LEU A 244 11.36 -4.90 2.19
N ASP A 245 11.28 -5.06 0.88
CA ASP A 245 10.93 -6.34 0.31
C ASP A 245 11.93 -7.44 0.72
N LYS A 246 13.20 -7.09 0.70
CA LYS A 246 14.20 -8.07 1.09
C LYS A 246 13.98 -8.48 2.54
N LEU A 247 13.70 -7.52 3.42
CA LEU A 247 13.46 -7.84 4.83
C LEU A 247 12.22 -8.72 5.05
N LYS A 248 11.15 -8.40 4.32
CA LYS A 248 9.91 -9.18 4.41
C LYS A 248 10.17 -10.63 4.00
N ASN A 249 10.79 -10.80 2.83
CA ASN A 249 11.10 -12.13 2.32
C ASN A 249 11.92 -12.87 3.35
N LYS A 250 12.92 -12.19 3.88
CA LYS A 250 13.77 -12.78 4.89
C LYS A 250 13.04 -13.32 6.10
N TRP A 251 12.23 -12.48 6.75
CA TRP A 251 11.67 -12.86 8.03
C TRP A 251 10.39 -13.75 7.95
N TRP A 252 9.69 -13.66 6.81
CA TRP A 252 8.51 -14.49 6.53
C TRP A 252 8.84 -15.81 5.79
N TYR A 253 9.71 -15.72 4.77
CA TYR A 253 10.00 -16.84 3.87
C TYR A 253 11.38 -17.55 4.08
N ASP A 254 12.48 -16.80 4.08
CA ASP A 254 13.77 -17.46 4.33
C ASP A 254 13.76 -18.19 5.67
N LYS A 255 13.08 -17.62 6.64
CA LYS A 255 13.01 -18.22 7.96
C LYS A 255 11.71 -19.03 8.17
N GLY A 256 11.00 -19.31 7.08
CA GLY A 256 9.72 -20.00 7.17
C GLY A 256 9.95 -21.49 7.36
N GLU A 257 8.91 -22.21 7.79
CA GLU A 257 9.07 -23.61 8.18
C GLU A 257 8.19 -24.54 7.37
N CYS A 258 7.66 -24.05 6.25
CA CYS A 258 6.66 -24.77 5.47
C CYS A 258 6.94 -24.72 3.98
N LYS B 1 -11.61 31.91 -1.19
CA LYS B 1 -10.47 31.81 -2.10
C LYS B 1 -10.48 30.44 -2.79
N THR B 2 -10.28 30.43 -4.11
CA THR B 2 -10.41 29.22 -4.90
C THR B 2 -9.10 28.44 -5.07
N VAL B 3 -9.03 27.25 -4.51
CA VAL B 3 -7.83 26.41 -4.60
C VAL B 3 -7.61 25.93 -6.05
N VAL B 4 -6.42 26.14 -6.59
CA VAL B 4 -6.16 25.68 -7.95
C VAL B 4 -5.55 24.26 -7.88
N VAL B 5 -6.24 23.30 -8.46
CA VAL B 5 -5.84 21.90 -8.40
C VAL B 5 -5.22 21.52 -9.73
N THR B 6 -4.00 20.98 -9.73
CA THR B 6 -3.47 20.55 -11.01
C THR B 6 -3.70 19.04 -11.09
N THR B 7 -4.02 18.55 -12.26
CA THR B 7 -4.19 17.12 -12.44
C THR B 7 -3.80 16.84 -13.88
N ILE B 8 -3.93 15.59 -14.31
CA ILE B 8 -3.44 15.21 -15.63
C ILE B 8 -4.45 14.34 -16.34
N LEU B 9 -4.54 14.44 -17.67
CA LEU B 9 -5.48 13.62 -18.41
C LEU B 9 -5.01 12.18 -18.59
N GLU B 10 -5.29 11.33 -17.61
CA GLU B 10 -4.92 9.93 -17.66
C GLU B 10 -6.15 9.18 -17.23
N SER B 11 -6.68 8.33 -18.11
CA SER B 11 -7.87 7.54 -17.79
C SER B 11 -7.48 6.37 -16.87
N PRO B 12 -8.34 6.03 -15.92
CA PRO B 12 -9.65 6.68 -15.69
C PRO B 12 -9.62 7.78 -14.64
N TYR B 13 -8.45 8.39 -14.38
CA TYR B 13 -8.35 9.37 -13.28
C TYR B 13 -9.05 10.67 -13.63
N VAL B 14 -8.88 11.10 -14.86
CA VAL B 14 -9.47 12.32 -15.36
C VAL B 14 -9.65 12.14 -16.87
N MET B 15 -10.88 12.33 -17.33
CA MET B 15 -11.26 12.16 -18.73
C MET B 15 -12.24 13.26 -19.09
N MET B 16 -12.31 13.59 -20.37
CA MET B 16 -13.31 14.57 -20.85
C MET B 16 -14.64 13.85 -20.94
N LYS B 17 -15.68 14.40 -20.33
CA LYS B 17 -17.02 13.88 -20.55
C LYS B 17 -17.30 13.92 -22.04
N LYS B 18 -18.20 13.04 -22.51
CA LYS B 18 -18.57 13.00 -23.92
C LYS B 18 -19.16 14.32 -24.36
N ASN B 19 -20.02 14.92 -23.52
CA ASN B 19 -20.63 16.19 -23.89
C ASN B 19 -19.87 17.39 -23.34
N HIS B 20 -18.56 17.23 -23.13
CA HIS B 20 -17.74 18.29 -22.53
C HIS B 20 -17.87 19.65 -23.20
N GLU B 21 -18.17 19.67 -24.49
CA GLU B 21 -18.21 20.94 -25.21
C GLU B 21 -19.39 21.77 -24.74
N MET B 22 -20.38 21.10 -24.16
CA MET B 22 -21.58 21.78 -23.65
C MET B 22 -21.41 22.28 -22.21
N LEU B 23 -20.36 21.80 -21.54
CA LEU B 23 -20.26 22.03 -20.10
C LEU B 23 -19.21 23.08 -19.83
N GLU B 24 -19.09 23.57 -18.60
CA GLU B 24 -17.88 24.30 -18.24
C GLU B 24 -17.28 24.05 -16.84
N GLY B 25 -16.04 24.48 -16.67
CA GLY B 25 -15.37 24.39 -15.39
C GLY B 25 -15.15 22.95 -14.97
N ASN B 26 -15.32 22.67 -13.69
CA ASN B 26 -15.03 21.35 -13.14
C ASN B 26 -15.91 20.29 -13.75
N GLU B 27 -17.05 20.72 -14.27
CA GLU B 27 -18.01 19.80 -14.84
C GLU B 27 -17.61 19.22 -16.20
N ARG B 28 -16.60 19.77 -16.85
CA ARG B 28 -16.15 19.18 -18.12
C ARG B 28 -15.52 17.79 -17.91
N TYR B 29 -15.03 17.53 -16.70
CA TYR B 29 -14.25 16.34 -16.42
C TYR B 29 -14.98 15.29 -15.60
N GLU B 30 -14.57 14.03 -15.77
CA GLU B 30 -15.05 12.93 -14.92
C GLU B 30 -13.91 11.94 -14.67
N GLY B 31 -14.11 11.06 -13.70
CA GLY B 31 -13.18 9.98 -13.45
C GLY B 31 -12.78 9.87 -12.00
N TYR B 32 -11.87 8.93 -11.70
CA TYR B 32 -11.55 8.62 -10.31
C TYR B 32 -11.06 9.83 -9.52
N CYS B 33 -10.13 10.58 -10.12
CA CYS B 33 -9.51 11.70 -9.40
C CYS B 33 -10.45 12.94 -9.34
N VAL B 34 -11.37 13.05 -10.29
CA VAL B 34 -12.42 14.09 -10.23
C VAL B 34 -13.30 13.82 -9.04
N ASP B 35 -13.74 12.57 -8.90
CA ASP B 35 -14.53 12.19 -7.74
C ASP B 35 -13.71 12.43 -6.49
N LEU B 36 -12.43 12.05 -6.52
CA LEU B 36 -11.59 12.22 -5.33
C LEU B 36 -11.40 13.67 -4.95
N ALA B 37 -11.18 14.51 -5.95
CA ALA B 37 -11.02 15.96 -5.71
C ALA B 37 -12.26 16.52 -5.00
N ALA B 38 -13.43 16.10 -5.45
CA ALA B 38 -14.66 16.62 -4.84
C ALA B 38 -14.79 16.22 -3.38
N GLU B 39 -14.47 14.95 -3.09
CA GLU B 39 -14.46 14.47 -1.72
C GLU B 39 -13.39 15.20 -0.88
N ILE B 40 -12.17 15.30 -1.38
CA ILE B 40 -11.14 15.96 -0.59
C ILE B 40 -11.63 17.38 -0.28
N ALA B 41 -12.15 18.08 -1.28
CA ALA B 41 -12.52 19.49 -1.04
C ALA B 41 -13.71 19.63 -0.05
N LYS B 42 -14.72 18.78 -0.23
CA LYS B 42 -15.84 18.69 0.69
C LYS B 42 -15.36 18.47 2.14
N HIS B 43 -14.47 17.51 2.36
CA HIS B 43 -14.08 17.21 3.72
C HIS B 43 -13.02 18.18 4.30
N CYS B 44 -12.27 18.87 3.44
CA CYS B 44 -11.36 19.91 3.92
C CYS B 44 -12.03 21.28 3.92
N GLY B 45 -13.21 21.38 3.33
CA GLY B 45 -13.94 22.63 3.28
C GLY B 45 -13.35 23.73 2.41
N PHE B 46 -13.05 23.43 1.14
CA PHE B 46 -12.56 24.45 0.21
C PHE B 46 -13.24 24.36 -1.16
N LYS B 47 -13.26 25.48 -1.87
CA LYS B 47 -13.71 25.53 -3.26
C LYS B 47 -12.48 25.42 -4.13
N TYR B 48 -12.62 24.88 -5.34
CA TYR B 48 -11.45 24.54 -6.13
C TYR B 48 -11.76 24.60 -7.60
N LYS B 49 -10.71 24.74 -8.38
CA LYS B 49 -10.80 24.72 -9.82
C LYS B 49 -9.82 23.68 -10.35
N LEU B 50 -10.32 22.78 -11.20
CA LEU B 50 -9.47 21.77 -11.81
C LEU B 50 -8.81 22.38 -13.02
N THR B 51 -7.50 22.13 -13.18
CA THR B 51 -6.80 22.52 -14.38
C THR B 51 -5.88 21.37 -14.75
N ILE B 52 -5.69 21.17 -16.04
CA ILE B 52 -4.90 20.08 -16.56
C ILE B 52 -3.46 20.58 -16.67
N VAL B 53 -2.49 19.80 -16.19
CA VAL B 53 -1.07 20.22 -16.25
C VAL B 53 -0.67 20.65 -17.65
N GLY B 54 -0.07 21.83 -17.80
CA GLY B 54 0.33 22.32 -19.12
C GLY B 54 1.06 21.35 -20.04
N ASP B 55 2.12 20.73 -19.51
CA ASP B 55 3.01 19.92 -20.34
C ASP B 55 2.62 18.44 -20.31
N GLY B 56 1.52 18.14 -19.63
CA GLY B 56 1.01 16.78 -19.65
C GLY B 56 1.90 15.80 -18.93
N LYS B 57 2.73 16.26 -17.98
CA LYS B 57 3.70 15.38 -17.33
C LYS B 57 3.49 15.27 -15.82
N TYR B 58 4.01 14.20 -15.23
CA TYR B 58 3.94 14.01 -13.79
C TYR B 58 4.90 14.88 -12.98
N GLY B 59 6.21 14.74 -13.23
CA GLY B 59 7.12 15.56 -12.47
C GLY B 59 8.49 14.94 -12.29
N CYS B 60 9.43 15.47 -13.06
CA CYS B 60 10.83 15.09 -12.90
C CYS B 60 11.77 16.30 -13.05
N ARG B 61 12.95 16.18 -12.47
CA ARG B 61 13.85 17.31 -12.41
C ARG B 61 14.93 17.15 -13.47
N ASP B 62 14.93 18.03 -14.46
CA ASP B 62 15.99 17.95 -15.47
C ASP B 62 17.38 18.02 -14.81
N ALA B 63 18.25 17.08 -15.14
CA ALA B 63 19.61 17.05 -14.60
C ALA B 63 20.38 18.28 -15.06
N ASP B 64 20.23 18.61 -16.33
CA ASP B 64 20.90 19.77 -16.92
C ASP B 64 20.54 21.08 -16.22
N THR B 65 19.28 21.47 -16.29
CA THR B 65 18.84 22.76 -15.73
C THR B 65 18.18 22.69 -14.34
N LYS B 66 18.20 21.51 -13.72
CA LYS B 66 17.64 21.33 -12.37
C LYS B 66 16.23 21.95 -12.22
N ILE B 67 15.53 22.06 -13.35
CA ILE B 67 14.16 22.57 -13.31
C ILE B 67 13.12 21.44 -13.24
N TRP B 68 12.10 21.61 -12.39
CA TRP B 68 11.06 20.59 -12.30
C TRP B 68 10.01 20.78 -13.39
N ASN B 69 9.68 19.71 -14.10
CA ASN B 69 8.55 19.76 -15.02
C ASN B 69 7.21 19.19 -14.42
N GLY B 70 6.18 19.11 -15.25
CA GLY B 70 4.90 18.51 -14.86
C GLY B 70 4.19 19.07 -13.64
N MET B 71 3.41 18.25 -12.96
CA MET B 71 2.69 18.72 -11.78
C MET B 71 3.61 19.11 -10.62
N VAL B 72 4.74 18.44 -10.48
CA VAL B 72 5.64 18.84 -9.38
C VAL B 72 6.13 20.25 -9.62
N GLY B 73 6.44 20.57 -10.87
CA GLY B 73 6.86 21.94 -11.23
C GLY B 73 5.77 22.96 -10.92
N GLU B 74 4.54 22.61 -11.26
CA GLU B 74 3.44 23.53 -11.01
C GLU B 74 3.25 23.85 -9.55
N LEU B 75 3.53 22.89 -8.69
CA LEU B 75 3.53 23.13 -7.24
C LEU B 75 4.73 23.98 -6.82
N VAL B 76 5.93 23.55 -7.20
CA VAL B 76 7.17 24.20 -6.73
C VAL B 76 7.34 25.63 -7.25
N TYR B 77 6.85 25.88 -8.46
CA TYR B 77 6.92 27.21 -9.06
C TYR B 77 5.62 27.99 -8.91
N GLY B 78 4.73 27.51 -8.05
CA GLY B 78 3.54 28.27 -7.63
C GLY B 78 2.41 28.49 -8.62
N LYS B 79 2.30 27.64 -9.64
CA LYS B 79 1.16 27.70 -10.58
C LYS B 79 -0.08 26.93 -10.09
N ALA B 80 0.08 26.07 -9.09
CA ALA B 80 -1.08 25.41 -8.51
C ALA B 80 -0.88 25.12 -7.05
N ASP B 81 -1.96 24.84 -6.34
CA ASP B 81 -1.94 24.72 -4.90
C ASP B 81 -1.88 23.26 -4.43
N ILE B 82 -2.26 22.32 -5.29
CA ILE B 82 -2.40 20.94 -4.84
C ILE B 82 -2.46 20.12 -6.11
N ALA B 83 -1.82 18.95 -6.13
CA ALA B 83 -1.98 18.05 -7.25
C ALA B 83 -2.83 16.83 -6.79
N ILE B 84 -3.90 16.55 -7.52
CA ILE B 84 -4.74 15.38 -7.18
C ILE B 84 -4.76 14.56 -8.45
N ALA B 85 -3.88 13.57 -8.49
CA ALA B 85 -3.54 12.79 -9.66
C ALA B 85 -2.83 11.50 -9.23
N PRO B 86 -2.72 10.54 -10.14
CA PRO B 86 -1.99 9.31 -9.79
C PRO B 86 -0.47 9.64 -9.81
N LEU B 87 -0.05 10.47 -8.87
CA LEU B 87 1.32 10.92 -8.76
C LEU B 87 2.05 10.01 -7.77
N THR B 88 3.03 9.25 -8.26
CA THR B 88 3.74 8.32 -7.41
C THR B 88 4.57 8.98 -6.32
N ILE B 89 4.46 8.45 -5.11
CA ILE B 89 5.28 8.87 -3.99
C ILE B 89 6.74 8.36 -4.14
N THR B 90 7.65 9.29 -4.35
CA THR B 90 9.10 8.99 -4.50
C THR B 90 9.99 9.92 -3.68
N LEU B 91 11.15 9.42 -3.30
CA LEU B 91 12.08 10.19 -2.49
C LEU B 91 12.39 11.52 -3.15
N VAL B 92 12.75 11.49 -4.43
CA VAL B 92 13.19 12.76 -5.01
C VAL B 92 12.06 13.80 -5.03
N ARG B 93 10.82 13.35 -5.21
CA ARG B 93 9.67 14.25 -5.12
C ARG B 93 9.39 14.74 -3.71
N GLU B 94 9.48 13.87 -2.70
CA GLU B 94 9.10 14.28 -1.36
C GLU B 94 10.14 15.22 -0.75
N GLU B 95 11.26 15.36 -1.42
CA GLU B 95 12.24 16.38 -1.02
C GLU B 95 11.77 17.82 -1.29
N VAL B 96 10.89 18.00 -2.28
CA VAL B 96 10.46 19.36 -2.62
C VAL B 96 8.97 19.64 -2.37
N ILE B 97 8.16 18.59 -2.31
CA ILE B 97 6.74 18.75 -1.99
C ILE B 97 6.34 17.72 -0.93
N ASP B 98 5.14 17.88 -0.37
CA ASP B 98 4.63 17.01 0.67
C ASP B 98 3.62 16.08 0.02
N PHE B 99 3.60 14.83 0.44
CA PHE B 99 2.59 13.88 -0.05
C PHE B 99 1.70 13.46 1.10
N SER B 100 0.43 13.34 0.79
CA SER B 100 -0.46 12.60 1.66
C SER B 100 -0.05 11.14 1.72
N LYS B 101 -0.55 10.42 2.72
CA LYS B 101 -0.57 8.96 2.68
C LYS B 101 -1.18 8.47 1.35
N PRO B 102 -0.78 7.28 0.91
CA PRO B 102 -1.21 6.89 -0.45
C PRO B 102 -2.70 6.69 -0.48
N PHE B 103 -3.32 7.05 -1.60
CA PHE B 103 -4.73 6.78 -1.80
C PHE B 103 -4.96 5.52 -2.64
N MET B 104 -3.93 5.07 -3.32
CA MET B 104 -4.02 3.92 -4.16
C MET B 104 -2.63 3.25 -4.16
N SER B 105 -2.58 1.92 -4.01
CA SER B 105 -1.34 1.14 -4.09
C SER B 105 -1.11 0.58 -5.49
N LEU B 106 0.14 0.38 -5.86
CA LEU B 106 0.43 -0.22 -7.15
C LEU B 106 1.81 -0.87 -7.15
N GLY B 107 2.11 -1.51 -8.25
CA GLY B 107 3.35 -2.23 -8.36
C GLY B 107 3.61 -2.50 -9.81
N ILE B 108 4.86 -2.83 -10.12
CA ILE B 108 5.23 -3.26 -11.46
C ILE B 108 4.60 -4.61 -11.74
N SER B 109 4.10 -4.83 -12.95
CA SER B 109 3.36 -6.05 -13.28
C SER B 109 3.46 -6.32 -14.75
N ILE B 110 3.01 -7.51 -15.16
CA ILE B 110 3.21 -8.01 -16.51
C ILE B 110 1.90 -7.99 -17.30
N MET B 111 1.94 -7.44 -18.50
CA MET B 111 0.81 -7.46 -19.41
C MET B 111 1.10 -8.39 -20.58
N ILE B 112 0.20 -9.32 -20.85
CA ILE B 112 0.35 -10.18 -22.00
C ILE B 112 -0.85 -10.02 -22.90
N LYS B 113 -0.68 -10.42 -24.15
CA LYS B 113 -1.82 -10.64 -24.99
C LYS B 113 -2.45 -11.98 -24.57
N LYS B 114 -3.77 -12.03 -24.43
CA LYS B 114 -4.41 -13.27 -24.00
C LYS B 114 -4.00 -14.45 -24.89
N GLY B 115 -3.70 -15.59 -24.27
CA GLY B 115 -3.16 -16.68 -25.04
C GLY B 115 -1.69 -16.96 -24.78
N THR B 116 -0.90 -15.90 -24.59
CA THR B 116 0.52 -16.03 -24.31
C THR B 116 0.76 -16.94 -23.14
N PRO B 117 1.67 -17.93 -23.32
CA PRO B 117 2.02 -18.92 -22.30
C PRO B 117 2.98 -18.40 -21.24
N ILE B 118 2.54 -17.43 -20.45
CA ILE B 118 3.37 -16.83 -19.43
C ILE B 118 2.45 -16.50 -18.30
N GLU B 119 2.78 -16.88 -17.07
CA GLU B 119 1.97 -16.43 -15.94
C GLU B 119 2.75 -15.74 -14.84
N SER B 120 4.04 -15.46 -15.08
CA SER B 120 4.89 -14.87 -14.03
C SER B 120 6.19 -14.29 -14.57
N ALA B 121 6.86 -13.48 -13.75
CA ALA B 121 8.17 -12.95 -14.12
C ALA B 121 9.15 -14.09 -14.34
N GLU B 122 9.13 -15.07 -13.43
CA GLU B 122 9.97 -16.27 -13.59
C GLU B 122 9.78 -16.92 -14.97
N ASP B 123 8.54 -17.08 -15.38
CA ASP B 123 8.28 -17.64 -16.72
C ASP B 123 8.97 -16.81 -17.81
N LEU B 124 8.80 -15.50 -17.74
CA LEU B 124 9.42 -14.66 -18.75
C LEU B 124 10.92 -14.89 -18.73
N SER B 125 11.47 -14.97 -17.53
CA SER B 125 12.92 -14.91 -17.35
C SER B 125 13.60 -16.15 -17.94
N LYS B 126 12.87 -17.25 -17.99
CA LYS B 126 13.44 -18.52 -18.44
C LYS B 126 13.42 -18.74 -19.95
N GLN B 127 12.95 -17.77 -20.71
CA GLN B 127 12.80 -17.98 -22.14
C GLN B 127 13.06 -16.70 -22.90
N THR B 128 13.12 -16.81 -24.22
CA THR B 128 13.41 -15.63 -25.04
C THR B 128 12.51 -15.55 -26.28
N GLU B 129 11.76 -16.60 -26.55
CA GLU B 129 10.88 -16.58 -27.71
C GLU B 129 9.85 -15.44 -27.52
N ILE B 130 9.31 -15.29 -26.32
CA ILE B 130 8.42 -14.15 -26.07
C ILE B 130 9.24 -12.98 -25.57
N ALA B 131 9.30 -11.92 -26.36
CA ALA B 131 10.12 -10.77 -25.96
C ALA B 131 9.36 -9.94 -24.88
N TYR B 132 10.08 -9.13 -24.12
CA TYR B 132 9.44 -8.35 -23.07
C TYR B 132 10.33 -7.17 -22.69
N GLY B 133 9.70 -6.04 -22.39
CA GLY B 133 10.41 -4.82 -22.04
C GLY B 133 9.57 -3.81 -21.23
N THR B 134 10.02 -2.57 -21.19
CA THR B 134 9.50 -1.56 -20.29
C THR B 134 9.62 -0.24 -21.06
N LEU B 135 9.14 0.82 -20.45
CA LEU B 135 9.47 2.16 -20.92
C LEU B 135 11.01 2.34 -21.01
N ASP B 136 11.49 3.02 -22.05
CA ASP B 136 12.94 3.25 -22.21
C ASP B 136 13.61 4.16 -21.15
N CYS B 137 12.82 4.78 -20.29
CA CYS B 137 13.41 5.55 -19.20
C CYS B 137 12.38 5.56 -18.10
N GLY B 138 12.79 5.76 -16.86
CA GLY B 138 11.82 5.84 -15.79
C GLY B 138 12.03 4.72 -14.81
N SER B 139 11.15 4.65 -13.81
CA SER B 139 11.41 3.84 -12.63
C SER B 139 11.35 2.34 -12.86
N THR B 140 10.53 1.91 -13.80
CA THR B 140 10.45 0.46 -14.03
C THR B 140 11.77 -0.02 -14.62
N LYS B 141 12.28 0.71 -15.61
CA LYS B 141 13.56 0.38 -16.21
C LYS B 141 14.64 0.35 -15.12
N GLU B 142 14.65 1.35 -14.26
CA GLU B 142 15.69 1.43 -13.25
C GLU B 142 15.56 0.30 -12.21
N PHE B 143 14.32 -0.08 -11.89
CA PHE B 143 14.09 -1.19 -10.97
C PHE B 143 14.86 -2.45 -11.42
N PHE B 144 14.75 -2.80 -12.71
CA PHE B 144 15.45 -3.96 -13.24
C PHE B 144 16.97 -3.77 -13.28
N ARG B 145 17.40 -2.65 -13.84
CA ARG B 145 18.81 -2.29 -13.90
C ARG B 145 19.48 -2.45 -12.54
N ARG B 146 18.86 -2.00 -11.47
CA ARG B 146 19.50 -2.08 -10.14
C ARG B 146 19.26 -3.35 -9.31
N SER B 147 18.45 -4.27 -9.81
CA SER B 147 18.01 -5.33 -8.93
C SER B 147 19.15 -6.31 -8.63
N LYS B 148 19.31 -6.71 -7.38
CA LYS B 148 20.22 -7.81 -7.08
C LYS B 148 19.50 -9.16 -6.97
N ILE B 149 18.20 -9.20 -7.30
CA ILE B 149 17.40 -10.44 -7.25
C ILE B 149 17.61 -11.29 -8.53
N ALA B 150 17.90 -12.57 -8.37
CA ALA B 150 18.26 -13.41 -9.54
C ALA B 150 17.29 -13.33 -10.72
N VAL B 151 15.99 -13.51 -10.47
CA VAL B 151 15.03 -13.46 -11.59
C VAL B 151 15.09 -12.11 -12.29
N PHE B 152 15.18 -11.02 -11.53
CA PHE B 152 15.15 -9.67 -12.14
C PHE B 152 16.46 -9.33 -12.86
N ASP B 153 17.59 -9.72 -12.27
CA ASP B 153 18.90 -9.64 -12.97
C ASP B 153 18.88 -10.37 -14.33
N LYS B 154 18.36 -11.58 -14.33
CA LYS B 154 18.23 -12.33 -15.55
C LYS B 154 17.41 -11.57 -16.57
N MET B 155 16.29 -10.98 -16.13
CA MET B 155 15.43 -10.29 -17.06
C MET B 155 16.13 -9.02 -17.58
N TRP B 156 16.83 -8.32 -16.69
CA TRP B 156 17.61 -7.16 -17.11
C TRP B 156 18.69 -7.54 -18.12
N THR B 157 19.40 -8.61 -17.80
CA THR B 157 20.53 -9.04 -18.62
C THR B 157 19.99 -9.28 -20.02
N TYR B 158 18.77 -9.81 -20.11
CA TYR B 158 18.14 -10.06 -21.40
C TYR B 158 17.66 -8.78 -22.12
N MET B 159 16.86 -7.96 -21.41
CA MET B 159 16.25 -6.78 -22.00
C MET B 159 17.29 -5.75 -22.46
N ARG B 160 18.37 -5.68 -21.71
CA ARG B 160 19.38 -4.66 -22.00
C ARG B 160 20.07 -4.92 -23.33
N SER B 161 20.21 -6.18 -23.72
CA SER B 161 20.86 -6.49 -24.98
C SER B 161 19.94 -7.03 -26.07
N ALA B 162 18.63 -6.93 -25.88
CA ALA B 162 17.73 -7.56 -26.84
C ALA B 162 17.64 -6.72 -28.10
N GLU B 163 17.51 -7.38 -29.23
CA GLU B 163 17.43 -6.70 -30.50
C GLU B 163 16.36 -7.38 -31.36
N PRO B 164 15.46 -6.60 -31.96
CA PRO B 164 15.31 -5.16 -31.81
C PRO B 164 15.00 -4.76 -30.38
N SER B 165 15.17 -3.49 -30.11
CA SER B 165 15.02 -2.99 -28.77
C SER B 165 13.65 -3.36 -28.20
N VAL B 166 13.62 -3.72 -26.92
CA VAL B 166 12.36 -4.11 -26.29
C VAL B 166 11.78 -2.96 -25.48
N PHE B 167 12.45 -1.81 -25.53
CA PHE B 167 11.98 -0.68 -24.75
C PHE B 167 11.07 0.19 -25.59
N VAL B 168 10.19 0.94 -24.96
CA VAL B 168 9.23 1.73 -25.72
C VAL B 168 9.27 3.19 -25.26
N ARG B 169 8.74 4.08 -26.09
CA ARG B 169 8.77 5.52 -25.83
C ARG B 169 7.66 6.01 -24.90
N THR B 170 6.49 5.39 -25.01
CA THR B 170 5.36 5.76 -24.16
C THR B 170 4.66 4.49 -23.69
N THR B 171 3.86 4.64 -22.65
CA THR B 171 3.08 3.52 -22.15
C THR B 171 2.21 3.02 -23.26
N ALA B 172 1.49 3.94 -23.90
CA ALA B 172 0.56 3.57 -24.97
C ALA B 172 1.26 2.77 -26.07
N GLU B 173 2.52 3.11 -26.31
CA GLU B 173 3.29 2.39 -27.32
C GLU B 173 3.51 0.95 -26.87
N GLY B 174 3.69 0.79 -25.56
CA GLY B 174 3.95 -0.52 -24.97
C GLY B 174 2.70 -1.38 -25.04
N VAL B 175 1.57 -0.80 -24.71
CA VAL B 175 0.29 -1.48 -24.79
C VAL B 175 -0.06 -1.89 -26.21
N ALA B 176 0.12 -0.99 -27.17
CA ALA B 176 -0.09 -1.29 -28.57
C ALA B 176 0.89 -2.35 -29.08
N ARG B 177 2.10 -2.34 -28.56
CA ARG B 177 3.04 -3.36 -28.94
C ARG B 177 2.57 -4.73 -28.47
N VAL B 178 2.04 -4.82 -27.25
CA VAL B 178 1.48 -6.10 -26.79
C VAL B 178 0.38 -6.55 -27.75
N ARG B 179 -0.47 -5.60 -28.16
CA ARG B 179 -1.69 -5.95 -28.92
C ARG B 179 -1.44 -6.32 -30.37
N LYS B 180 -0.43 -5.74 -30.99
CA LYS B 180 -0.12 -6.08 -32.37
C LYS B 180 0.95 -7.18 -32.51
N SER B 181 1.49 -7.68 -31.41
CA SER B 181 2.60 -8.66 -31.55
C SER B 181 2.26 -10.16 -31.62
N LYS B 182 0.99 -10.49 -31.70
CA LYS B 182 0.62 -11.87 -31.95
C LYS B 182 1.14 -12.81 -30.88
N GLY B 183 1.12 -12.31 -29.65
CA GLY B 183 1.57 -13.08 -28.51
C GLY B 183 3.08 -13.16 -28.32
N LYS B 184 3.85 -12.30 -29.01
CA LYS B 184 5.32 -12.38 -28.94
C LYS B 184 5.97 -11.25 -28.11
N TYR B 185 5.15 -10.44 -27.46
CA TYR B 185 5.71 -9.35 -26.64
C TYR B 185 4.89 -9.16 -25.37
N ALA B 186 5.57 -9.08 -24.24
CA ALA B 186 4.88 -8.77 -23.00
C ALA B 186 5.47 -7.47 -22.49
N TYR B 187 4.65 -6.69 -21.81
CA TYR B 187 5.11 -5.37 -21.43
C TYR B 187 5.02 -5.26 -19.91
N LEU B 188 6.00 -4.61 -19.29
CA LEU B 188 6.01 -4.39 -17.85
C LEU B 188 5.60 -2.96 -17.50
N LEU B 189 4.55 -2.81 -16.67
CA LEU B 189 4.02 -1.50 -16.34
C LEU B 189 3.26 -1.48 -15.01
N GLU B 190 2.81 -0.30 -14.60
CA GLU B 190 2.13 -0.07 -13.34
C GLU B 190 0.88 -0.98 -13.30
N SER B 191 0.63 -1.64 -12.19
CA SER B 191 -0.41 -2.62 -12.17
C SER B 191 -1.80 -1.92 -12.36
N THR B 192 -1.93 -0.72 -11.81
CA THR B 192 -3.18 0.00 -11.95
C THR B 192 -3.56 0.19 -13.42
N MET B 193 -2.60 0.54 -14.25
CA MET B 193 -2.88 0.76 -15.65
C MET B 193 -3.11 -0.59 -16.36
N ASN B 194 -2.44 -1.63 -15.86
CA ASN B 194 -2.54 -2.94 -16.47
C ASN B 194 -3.97 -3.44 -16.24
N GLU B 195 -4.43 -3.35 -15.01
CA GLU B 195 -5.79 -3.85 -14.69
C GLU B 195 -6.87 -3.00 -15.35
N TYR B 196 -6.57 -1.73 -15.58
CA TYR B 196 -7.47 -0.85 -16.31
C TYR B 196 -7.63 -1.31 -17.75
N ILE B 197 -6.51 -1.53 -18.42
CA ILE B 197 -6.51 -1.93 -19.81
C ILE B 197 -7.15 -3.31 -20.00
N GLU B 198 -7.00 -4.17 -19.01
CA GLU B 198 -7.65 -5.45 -19.00
C GLU B 198 -9.18 -5.31 -19.15
N GLN B 199 -9.74 -4.20 -18.69
CA GLN B 199 -11.21 -4.03 -18.73
C GLN B 199 -11.70 -3.11 -19.87
N ARG B 200 -10.83 -2.87 -20.86
CA ARG B 200 -11.16 -2.05 -22.03
C ARG B 200 -11.22 -2.88 -23.28
N LYS B 201 -12.18 -2.59 -24.15
CA LYS B 201 -12.24 -3.17 -25.48
C LYS B 201 -10.94 -2.88 -26.20
N PRO B 202 -10.47 -3.81 -27.04
CA PRO B 202 -11.16 -5.06 -27.37
C PRO B 202 -10.89 -6.23 -26.42
N CYS B 203 -10.45 -6.00 -25.16
CA CYS B 203 -10.38 -7.10 -24.18
C CYS B 203 -9.43 -8.19 -24.62
N ASP B 204 -8.24 -7.82 -25.11
CA ASP B 204 -7.35 -8.82 -25.65
C ASP B 204 -6.03 -8.90 -24.84
N THR B 205 -6.03 -8.24 -23.69
CA THR B 205 -4.89 -8.29 -22.80
C THR B 205 -5.24 -8.75 -21.41
N MET B 206 -4.22 -9.11 -20.66
CA MET B 206 -4.40 -9.69 -19.35
C MET B 206 -3.21 -9.31 -18.45
N LYS B 207 -3.48 -9.08 -17.18
CA LYS B 207 -2.43 -8.91 -16.18
C LYS B 207 -2.10 -10.27 -15.56
N VAL B 208 -0.84 -10.67 -15.57
CA VAL B 208 -0.48 -11.93 -14.92
C VAL B 208 0.64 -11.80 -13.86
N GLY B 209 0.59 -12.70 -12.89
CA GLY B 209 1.57 -12.74 -11.84
C GLY B 209 1.35 -11.71 -10.76
N GLY B 210 2.12 -11.82 -9.67
CA GLY B 210 2.07 -10.85 -8.60
C GLY B 210 2.85 -9.59 -8.97
N ASN B 211 2.56 -8.51 -8.27
CA ASN B 211 3.35 -7.29 -8.41
C ASN B 211 4.85 -7.52 -8.09
N LEU B 212 5.74 -6.85 -8.80
CA LEU B 212 7.17 -7.08 -8.57
C LEU B 212 7.73 -6.16 -7.47
N ASP B 213 7.06 -5.05 -7.22
CA ASP B 213 7.50 -4.13 -6.20
C ASP B 213 6.25 -3.44 -5.64
N SER B 214 6.38 -2.49 -4.73
CA SER B 214 5.19 -1.86 -4.23
C SER B 214 5.39 -0.37 -4.09
N LYS B 215 4.41 0.42 -4.56
CA LYS B 215 4.53 1.87 -4.58
C LYS B 215 3.13 2.44 -4.27
N GLY B 216 3.03 3.76 -4.13
CA GLY B 216 1.75 4.39 -3.79
C GLY B 216 1.54 5.68 -4.56
N TYR B 217 0.28 6.04 -4.86
CA TYR B 217 0.01 7.39 -5.37
C TYR B 217 -0.42 8.21 -4.18
N GLY B 218 -0.05 9.49 -4.19
CA GLY B 218 -0.36 10.38 -3.08
C GLY B 218 -0.81 11.74 -3.60
N ILE B 219 -1.54 12.48 -2.79
CA ILE B 219 -1.92 13.84 -3.17
C ILE B 219 -0.78 14.73 -2.71
N ALA B 220 -0.35 15.67 -3.54
CA ALA B 220 0.84 16.46 -3.21
C ALA B 220 0.53 17.92 -2.99
N THR B 221 1.10 18.52 -1.95
CA THR B 221 0.99 19.97 -1.70
C THR B 221 2.42 20.54 -1.50
N PRO B 222 2.60 21.86 -1.69
CA PRO B 222 3.93 22.45 -1.42
C PRO B 222 4.32 22.42 0.05
N LYS B 223 5.63 22.44 0.37
CA LYS B 223 6.05 22.55 1.75
C LYS B 223 5.38 23.74 2.46
N GLY B 224 4.91 23.50 3.67
CA GLY B 224 4.25 24.53 4.47
C GLY B 224 2.86 24.94 3.99
N SER B 225 2.24 24.22 3.06
CA SER B 225 0.87 24.56 2.60
C SER B 225 -0.09 24.54 3.77
N SER B 226 -1.06 25.45 3.78
CA SER B 226 -2.08 25.37 4.79
C SER B 226 -3.02 24.18 4.55
N LEU B 227 -2.95 23.57 3.37
CA LEU B 227 -3.86 22.44 3.08
C LEU B 227 -3.31 21.04 3.49
N GLY B 228 -2.00 20.92 3.71
CA GLY B 228 -1.38 19.61 3.81
C GLY B 228 -1.88 18.74 4.93
N ASN B 229 -2.00 19.30 6.13
CA ASN B 229 -2.52 18.50 7.23
C ASN B 229 -3.94 17.92 7.00
N ALA B 230 -4.87 18.78 6.60
CA ALA B 230 -6.26 18.36 6.45
C ALA B 230 -6.41 17.41 5.25
N VAL B 231 -5.73 17.68 4.15
CA VAL B 231 -5.77 16.79 3.01
C VAL B 231 -5.34 15.36 3.38
N ASN B 232 -4.34 15.29 4.25
CA ASN B 232 -3.81 14.00 4.70
C ASN B 232 -4.81 13.26 5.57
N LEU B 233 -5.43 13.96 6.54
CA LEU B 233 -6.46 13.31 7.35
C LEU B 233 -7.69 12.92 6.49
N ALA B 234 -7.98 13.72 5.48
CA ALA B 234 -9.06 13.44 4.54
C ALA B 234 -8.80 12.10 3.82
N VAL B 235 -7.59 11.90 3.30
CA VAL B 235 -7.28 10.64 2.59
C VAL B 235 -7.49 9.49 3.54
N LEU B 236 -6.98 9.59 4.77
CA LEU B 236 -7.24 8.53 5.75
C LEU B 236 -8.72 8.25 6.03
N LYS B 237 -9.51 9.32 6.21
CA LYS B 237 -10.96 9.17 6.42
C LYS B 237 -11.61 8.47 5.27
N LEU B 238 -11.33 8.90 4.05
CA LEU B 238 -11.94 8.28 2.87
C LEU B 238 -11.63 6.79 2.77
N ASN B 239 -10.41 6.45 3.14
CA ASN B 239 -9.98 5.08 3.07
C ASN B 239 -10.76 4.26 4.08
N GLU B 240 -10.81 4.72 5.32
CA GLU B 240 -11.57 4.01 6.34
C GLU B 240 -13.09 3.97 6.07
N GLN B 241 -13.63 4.97 5.39
CA GLN B 241 -15.05 4.97 5.04
C GLN B 241 -15.32 4.06 3.84
N GLY B 242 -14.27 3.41 3.34
CA GLY B 242 -14.41 2.53 2.19
C GLY B 242 -14.63 3.25 0.88
N LEU B 243 -14.53 4.57 0.90
CA LEU B 243 -14.75 5.32 -0.30
C LEU B 243 -13.68 5.17 -1.39
N LEU B 244 -12.38 5.08 -1.02
CA LEU B 244 -11.37 4.86 -2.06
C LEU B 244 -11.60 3.55 -2.84
N ASP B 245 -11.96 2.51 -2.11
CA ASP B 245 -12.25 1.23 -2.73
C ASP B 245 -13.50 1.30 -3.63
N LYS B 246 -14.52 2.02 -3.16
CA LYS B 246 -15.69 2.25 -3.96
C LYS B 246 -15.36 2.93 -5.27
N LEU B 247 -14.55 4.00 -5.20
CA LEU B 247 -14.16 4.72 -6.42
C LEU B 247 -13.37 3.85 -7.43
N LYS B 248 -12.45 3.05 -6.88
CA LYS B 248 -11.65 2.11 -7.70
C LYS B 248 -12.57 1.13 -8.37
N ASN B 249 -13.42 0.49 -7.57
CA ASN B 249 -14.38 -0.46 -8.19
C ASN B 249 -15.22 0.20 -9.27
N LYS B 250 -15.64 1.43 -9.01
CA LYS B 250 -16.50 2.09 -9.98
C LYS B 250 -15.79 2.30 -11.29
N TRP B 251 -14.57 2.84 -11.24
CA TRP B 251 -13.98 3.32 -12.47
C TRP B 251 -13.32 2.19 -13.25
N TRP B 252 -12.78 1.21 -12.53
CA TRP B 252 -12.17 0.04 -13.19
C TRP B 252 -13.21 -1.03 -13.60
N TYR B 253 -14.14 -1.34 -12.71
CA TYR B 253 -15.04 -2.50 -12.91
C TYR B 253 -16.50 -2.17 -13.33
N ASP B 254 -17.20 -1.36 -12.54
CA ASP B 254 -18.54 -0.97 -12.96
C ASP B 254 -18.57 -0.34 -14.35
N LYS B 255 -17.51 0.38 -14.72
CA LYS B 255 -17.49 0.95 -16.05
C LYS B 255 -16.66 0.10 -16.98
N GLY B 256 -16.36 -1.12 -16.54
CA GLY B 256 -15.54 -2.01 -17.32
C GLY B 256 -16.33 -2.43 -18.55
N GLU B 257 -15.66 -3.01 -19.53
CA GLU B 257 -16.24 -3.33 -20.83
C GLU B 257 -16.00 -4.79 -21.17
N CYS B 258 -15.41 -5.55 -20.25
CA CYS B 258 -15.04 -6.92 -20.55
C CYS B 258 -15.68 -7.88 -19.53
C1 CNI C . -1.76 -2.26 15.03
C2 CNI C . -3.02 -2.75 15.69
C3 CNI C . -1.21 -4.42 14.54
C4 CNI C . -2.44 -4.89 15.19
C5 CNI C . -0.29 -5.30 13.96
C6 CNI C . -2.71 -6.26 15.25
C8 CNI C . -1.81 -7.13 14.66
O1 CNI C . -1.49 -0.91 14.93
O2 CNI C . -3.79 -1.82 16.33
N2 CNI C . -3.29 -4.02 15.76
N1 CNI C . -0.94 -3.11 14.50
C7 CNI C . -0.58 -6.62 14.00
N3 CNI C . 0.31 -7.61 13.41
O3 CNI C . 0.21 -8.09 12.09
O5 CNI C . 1.15 -8.31 14.28
C CNI C . -2.06 -8.63 14.73
N17 CNI C . -2.22 -9.75 14.77
ZN ZN D . 13.66 -16.37 27.44
ZN ZN E . 20.91 0.78 4.11
C1 CNI F . 3.67 8.98 -11.97
C2 CNI F . 4.73 8.72 -12.98
C3 CNI F . 2.23 7.63 -13.11
C4 CNI F . 3.24 7.38 -14.12
C5 CNI F . 0.96 7.04 -13.21
C6 CNI F . 2.94 6.53 -15.22
C8 CNI F . 1.70 5.98 -15.30
O1 CNI F . 4.00 9.79 -10.92
O2 CNI F . 5.94 9.36 -12.81
N2 CNI F . 4.47 7.95 -14.01
N1 CNI F . 2.49 8.42 -12.06
C7 CNI F . 0.69 6.25 -14.24
N3 CNI F . -0.61 5.70 -14.43
O3 CNI F . -1.17 4.83 -13.49
O5 CNI F . -1.29 5.96 -15.64
C CNI F . 1.26 5.06 -16.42
N17 CNI F . 0.85 4.32 -17.19
ZN ZN G . -14.22 18.48 -27.88
ZN ZN H . -17.36 11.39 1.98
#